data_4Z33
#
_entry.id   4Z33
#
_cell.length_a   71.744
_cell.length_b   71.744
_cell.length_c   126.360
_cell.angle_alpha   90.00
_cell.angle_beta   90.00
_cell.angle_gamma   90.00
#
_symmetry.space_group_name_H-M   'P 41 21 2'
#
loop_
_entity.id
_entity.type
_entity.pdbx_description
1 polymer Syntenin-1
2 polymer LYS-GLY-GLU-THR-ALA-VAL
3 non-polymer 'ACETATE ION'
4 non-polymer GLYCEROL
5 non-polymer D-MYO-INOSITOL-4,5-BISPHOSPHATE
6 water water
#
loop_
_entity_poly.entity_id
_entity_poly.type
_entity_poly.pdbx_seq_one_letter_code
_entity_poly.pdbx_strand_id
1 'polypeptide(L)'
;SGIREVILCKDQDGKIGLRLKSIDNGIFVQLVQANSPASLVGLRFGDQVLQINGENCAGWSSDKAHKVLKQAFGEKITMT
IRDRPFERTITMHKDSTGHVGFIFKNGKITSIVKDSSAARNGLLTEHNICEINGQNVIGLKDSQIADILSTSGTVVTITI
MPAFIF
;
A,B
2 'polypeptide(L)' KGETAV C,D
#
# COMPACT_ATOMS: atom_id res chain seq x y z
N SER A 1 -5.63 5.72 -9.46
CA SER A 1 -5.76 6.46 -8.19
C SER A 1 -5.33 5.58 -6.99
N GLY A 2 -5.87 4.34 -6.94
CA GLY A 2 -5.62 3.36 -5.88
C GLY A 2 -4.31 2.62 -6.00
N ILE A 3 -3.20 3.32 -6.31
CA ILE A 3 -1.85 2.75 -6.38
C ILE A 3 -1.05 3.11 -5.13
N ARG A 4 -0.35 2.12 -4.57
CA ARG A 4 0.50 2.35 -3.41
C ARG A 4 1.67 1.41 -3.42
N GLU A 5 2.74 1.83 -2.77
CA GLU A 5 3.97 1.06 -2.65
C GLU A 5 4.05 0.52 -1.21
N VAL A 6 4.58 -0.69 -1.06
CA VAL A 6 4.74 -1.37 0.23
C VAL A 6 6.11 -2.04 0.27
N ILE A 7 6.74 -2.09 1.45
CA ILE A 7 8.03 -2.76 1.66
C ILE A 7 7.80 -3.83 2.74
N LEU A 8 7.99 -5.10 2.36
CA LEU A 8 7.79 -6.24 3.24
C LEU A 8 9.11 -6.78 3.73
N CYS A 9 9.15 -7.10 5.02
CA CYS A 9 10.29 -7.69 5.71
C CYS A 9 9.95 -9.13 6.03
N LYS A 10 10.75 -10.09 5.52
CA LYS A 10 10.59 -11.54 5.71
C LYS A 10 10.71 -11.97 7.18
N ASP A 11 9.83 -12.92 7.62
CA ASP A 11 9.74 -13.53 8.96
C ASP A 11 11.05 -14.22 9.39
N GLN A 12 11.08 -14.75 10.63
CA GLN A 12 12.19 -15.53 11.21
C GLN A 12 12.42 -16.79 10.37
N ASP A 13 11.31 -17.43 9.91
CA ASP A 13 11.35 -18.61 9.04
C ASP A 13 11.84 -18.22 7.63
N GLY A 14 11.46 -17.02 7.18
CA GLY A 14 11.80 -16.45 5.88
C GLY A 14 10.60 -16.27 4.97
N LYS A 15 9.39 -16.28 5.57
CA LYS A 15 8.07 -16.18 4.92
C LYS A 15 7.43 -14.77 5.04
N ILE A 16 6.30 -14.52 4.33
CA ILE A 16 5.59 -13.23 4.39
C ILE A 16 4.08 -13.41 4.69
N GLY A 17 3.59 -14.64 4.70
CA GLY A 17 2.20 -14.98 5.00
C GLY A 17 1.22 -14.51 3.93
N LEU A 18 1.59 -14.76 2.67
CA LEU A 18 0.85 -14.34 1.49
C LEU A 18 0.79 -15.43 0.41
N ARG A 19 -0.38 -15.55 -0.21
CA ARG A 19 -0.62 -16.43 -1.35
C ARG A 19 -1.14 -15.55 -2.48
N LEU A 20 -0.56 -15.70 -3.67
CA LEU A 20 -0.88 -14.95 -4.89
C LEU A 20 -1.55 -15.82 -5.94
N LYS A 21 -2.35 -15.22 -6.80
CA LYS A 21 -3.07 -15.95 -7.85
C LYS A 21 -3.07 -15.15 -9.15
N SER A 22 -2.98 -15.87 -10.26
CA SER A 22 -3.00 -15.32 -11.60
C SER A 22 -4.44 -15.25 -12.08
N ILE A 23 -4.87 -14.07 -12.51
CA ILE A 23 -6.20 -13.87 -13.06
C ILE A 23 -5.99 -12.86 -14.18
N ASP A 24 -6.47 -13.15 -15.40
CA ASP A 24 -6.42 -12.23 -16.54
C ASP A 24 -5.05 -11.59 -16.85
N ASN A 25 -3.96 -12.37 -16.71
CA ASN A 25 -2.57 -11.95 -16.93
C ASN A 25 -2.10 -10.88 -15.94
N GLY A 26 -2.71 -10.93 -14.76
CA GLY A 26 -2.38 -10.10 -13.61
C GLY A 26 -2.15 -11.00 -12.42
N ILE A 27 -1.62 -10.46 -11.32
CA ILE A 27 -1.37 -11.19 -10.07
C ILE A 27 -2.18 -10.54 -8.97
N PHE A 28 -2.93 -11.33 -8.19
CA PHE A 28 -3.80 -10.81 -7.13
C PHE A 28 -3.55 -11.53 -5.83
N VAL A 29 -3.77 -10.82 -4.72
CA VAL A 29 -3.65 -11.37 -3.36
C VAL A 29 -4.83 -12.33 -3.13
N GLN A 30 -4.51 -13.59 -2.79
CA GLN A 30 -5.45 -14.69 -2.56
C GLN A 30 -5.67 -15.02 -1.09
N LEU A 31 -4.70 -14.65 -0.24
CA LEU A 31 -4.80 -14.90 1.19
C LEU A 31 -3.72 -14.17 1.98
N VAL A 32 -4.15 -13.55 3.08
CA VAL A 32 -3.28 -12.79 3.97
C VAL A 32 -3.52 -13.33 5.38
N GLN A 33 -2.48 -13.93 5.96
CA GLN A 33 -2.52 -14.42 7.33
C GLN A 33 -2.41 -13.23 8.26
N ALA A 34 -3.17 -13.27 9.38
CA ALA A 34 -3.15 -12.21 10.38
C ALA A 34 -1.79 -12.22 11.05
N ASN A 35 -1.35 -11.05 11.60
CA ASN A 35 -0.06 -10.88 12.32
C ASN A 35 1.16 -11.33 11.52
N SER A 36 1.08 -11.18 10.18
CA SER A 36 2.13 -11.57 9.24
C SER A 36 2.77 -10.33 8.58
N PRO A 37 3.97 -10.45 7.94
CA PRO A 37 4.54 -9.29 7.22
C PRO A 37 3.58 -8.66 6.20
N ALA A 38 2.76 -9.47 5.50
CA ALA A 38 1.77 -8.98 4.53
C ALA A 38 0.61 -8.21 5.17
N SER A 39 0.16 -8.66 6.35
CA SER A 39 -0.91 -7.98 7.09
C SER A 39 -0.40 -6.63 7.61
N LEU A 40 0.89 -6.57 8.02
CA LEU A 40 1.59 -5.39 8.50
C LEU A 40 1.61 -4.23 7.48
N VAL A 41 1.62 -4.54 6.17
CA VAL A 41 1.63 -3.52 5.10
C VAL A 41 0.24 -3.26 4.49
N GLY A 42 -0.80 -3.78 5.15
CA GLY A 42 -2.18 -3.59 4.70
C GLY A 42 -2.58 -4.34 3.44
N LEU A 43 -1.90 -5.47 3.14
CA LEU A 43 -2.27 -6.27 1.96
C LEU A 43 -3.59 -6.92 2.23
N ARG A 44 -4.56 -6.70 1.32
CA ARG A 44 -5.93 -7.23 1.40
C ARG A 44 -6.21 -8.22 0.29
N PHE A 45 -7.13 -9.15 0.56
CA PHE A 45 -7.58 -10.15 -0.40
C PHE A 45 -8.15 -9.41 -1.63
N GLY A 46 -7.71 -9.76 -2.83
CA GLY A 46 -8.21 -9.12 -4.05
C GLY A 46 -7.36 -7.98 -4.57
N ASP A 47 -6.36 -7.51 -3.78
CA ASP A 47 -5.43 -6.44 -4.19
C ASP A 47 -4.61 -6.94 -5.37
N GLN A 48 -4.33 -6.07 -6.33
CA GLN A 48 -3.54 -6.52 -7.48
C GLN A 48 -2.07 -6.19 -7.27
N VAL A 49 -1.17 -7.16 -7.46
CA VAL A 49 0.24 -6.89 -7.35
C VAL A 49 0.75 -6.49 -8.76
N LEU A 50 1.15 -5.21 -8.94
CA LEU A 50 1.64 -4.70 -10.21
C LEU A 50 3.10 -5.08 -10.48
N GLN A 51 3.91 -5.07 -9.44
CA GLN A 51 5.32 -5.43 -9.55
C GLN A 51 5.85 -5.92 -8.23
N ILE A 52 6.89 -6.78 -8.28
CA ILE A 52 7.63 -7.34 -7.15
C ILE A 52 9.11 -7.13 -7.43
N ASN A 53 9.80 -6.44 -6.52
CA ASN A 53 11.23 -6.12 -6.57
C ASN A 53 11.73 -5.63 -7.96
N GLY A 54 10.98 -4.71 -8.56
CA GLY A 54 11.30 -4.08 -9.83
C GLY A 54 10.98 -4.88 -11.07
N GLU A 55 10.11 -5.89 -10.93
CA GLU A 55 9.66 -6.74 -12.05
C GLU A 55 8.15 -6.72 -12.12
N ASN A 56 7.61 -6.42 -13.30
CA ASN A 56 6.17 -6.43 -13.56
C ASN A 56 5.62 -7.83 -13.42
N CYS A 57 4.49 -8.01 -12.71
CA CYS A 57 3.82 -9.32 -12.53
C CYS A 57 3.02 -9.70 -13.77
N ALA A 58 2.84 -8.76 -14.69
CA ALA A 58 2.05 -8.99 -15.89
C ALA A 58 2.36 -10.36 -16.56
N GLY A 59 1.33 -11.20 -16.67
CA GLY A 59 1.42 -12.52 -17.29
C GLY A 59 2.13 -13.61 -16.53
N TRP A 60 2.55 -13.36 -15.28
CA TRP A 60 3.16 -14.38 -14.41
C TRP A 60 2.09 -15.38 -13.98
N SER A 61 2.45 -16.66 -13.88
CA SER A 61 1.56 -17.71 -13.37
C SER A 61 1.60 -17.61 -11.84
N SER A 62 0.63 -18.25 -11.15
CA SER A 62 0.60 -18.40 -9.69
C SER A 62 1.94 -19.05 -9.26
N ASP A 63 2.41 -20.07 -10.02
CA ASP A 63 3.68 -20.76 -9.76
C ASP A 63 4.86 -19.81 -9.73
N LYS A 64 5.03 -18.95 -10.76
CA LYS A 64 6.14 -18.00 -10.83
C LYS A 64 6.12 -17.00 -9.66
N ALA A 65 4.93 -16.41 -9.34
CA ALA A 65 4.73 -15.46 -8.23
C ALA A 65 5.16 -16.06 -6.88
N HIS A 66 4.75 -17.32 -6.62
CA HIS A 66 5.06 -18.11 -5.42
CA HIS A 66 5.10 -18.01 -5.38
C HIS A 66 6.59 -18.31 -5.27
N LYS A 67 7.25 -18.66 -6.41
CA LYS A 67 8.69 -18.92 -6.47
C LYS A 67 9.46 -17.64 -6.24
N VAL A 68 8.98 -16.52 -6.80
CA VAL A 68 9.62 -15.21 -6.67
C VAL A 68 9.63 -14.77 -5.17
N LEU A 69 8.53 -14.99 -4.44
CA LEU A 69 8.47 -14.65 -3.02
C LEU A 69 9.49 -15.44 -2.17
N LYS A 70 9.77 -16.71 -2.54
CA LYS A 70 10.73 -17.58 -1.84
C LYS A 70 12.19 -17.21 -2.15
N GLN A 71 12.53 -17.06 -3.46
CA GLN A 71 13.87 -16.76 -3.94
CA GLN A 71 13.87 -16.76 -3.96
C GLN A 71 14.28 -15.26 -3.83
N ALA A 72 13.63 -14.52 -2.92
CA ALA A 72 13.87 -13.09 -2.64
C ALA A 72 15.16 -12.83 -1.76
N PHE A 73 15.31 -11.60 -1.16
CA PHE A 73 16.50 -11.21 -0.36
C PHE A 73 16.22 -10.57 1.02
N GLY A 74 15.71 -11.38 1.95
CA GLY A 74 15.43 -11.00 3.33
C GLY A 74 14.49 -9.84 3.56
N GLU A 75 14.93 -8.90 4.42
CA GLU A 75 14.20 -7.70 4.87
C GLU A 75 13.77 -6.74 3.73
N LYS A 76 14.04 -7.11 2.47
CA LYS A 76 13.68 -6.24 1.37
C LYS A 76 12.83 -6.88 0.30
N ILE A 77 11.49 -6.90 0.47
CA ILE A 77 10.53 -7.31 -0.58
C ILE A 77 9.69 -6.07 -0.95
N THR A 78 9.93 -5.50 -2.11
CA THR A 78 9.25 -4.33 -2.67
C THR A 78 8.04 -4.75 -3.53
N MET A 79 6.90 -4.03 -3.40
CA MET A 79 5.71 -4.24 -4.21
C MET A 79 4.99 -2.93 -4.52
N THR A 80 4.36 -2.86 -5.71
CA THR A 80 3.45 -1.80 -6.11
C THR A 80 2.08 -2.48 -6.19
N ILE A 81 1.11 -1.96 -5.46
CA ILE A 81 -0.22 -2.52 -5.37
C ILE A 81 -1.24 -1.61 -6.01
N ARG A 82 -2.24 -2.20 -6.69
CA ARG A 82 -3.43 -1.51 -7.13
C ARG A 82 -4.52 -2.06 -6.19
N ASP A 83 -5.10 -1.18 -5.36
CA ASP A 83 -6.13 -1.52 -4.39
C ASP A 83 -7.31 -2.21 -5.03
N ARG A 84 -7.62 -3.42 -4.52
CA ARG A 84 -8.75 -4.29 -4.87
C ARG A 84 -9.50 -3.82 -6.14
N PRO A 85 -8.98 -4.09 -7.38
CA PRO A 85 -9.64 -3.58 -8.58
C PRO A 85 -11.07 -4.06 -8.80
N PHE A 86 -11.45 -5.24 -8.32
CA PHE A 86 -12.79 -5.77 -8.53
C PHE A 86 -13.75 -5.53 -7.35
N GLU A 87 -13.33 -4.71 -6.38
CA GLU A 87 -14.10 -4.39 -5.19
C GLU A 87 -15.27 -3.49 -5.52
N ARG A 88 -16.43 -3.77 -4.90
CA ARG A 88 -17.63 -2.95 -5.03
C ARG A 88 -18.28 -2.81 -3.67
N THR A 89 -18.90 -1.68 -3.39
CA THR A 89 -19.62 -1.40 -2.16
C THR A 89 -21.11 -1.28 -2.50
N ILE A 90 -21.95 -1.90 -1.64
CA ILE A 90 -23.41 -1.95 -1.74
C ILE A 90 -23.94 -1.60 -0.33
N THR A 91 -24.74 -0.53 -0.21
CA THR A 91 -25.35 -0.16 1.07
C THR A 91 -26.79 -0.70 1.11
N MET A 92 -27.19 -1.34 2.22
CA MET A 92 -28.54 -1.88 2.40
C MET A 92 -29.12 -1.47 3.75
N HIS A 93 -30.44 -1.46 3.85
CA HIS A 93 -31.16 -1.14 5.08
C HIS A 93 -31.98 -2.33 5.49
N LYS A 94 -31.91 -2.71 6.77
CA LYS A 94 -32.65 -3.84 7.29
C LYS A 94 -34.16 -3.57 7.27
N ASP A 95 -34.95 -4.64 7.09
CA ASP A 95 -36.41 -4.50 7.11
C ASP A 95 -36.90 -4.54 8.58
N SER A 96 -38.20 -4.80 8.80
CA SER A 96 -38.75 -4.88 10.15
C SER A 96 -38.36 -6.20 10.87
N THR A 97 -38.05 -7.27 10.12
CA THR A 97 -37.60 -8.52 10.72
C THR A 97 -36.05 -8.59 10.76
N GLY A 98 -35.39 -7.43 10.59
CA GLY A 98 -33.94 -7.25 10.61
C GLY A 98 -33.15 -7.87 9.47
N HIS A 99 -33.78 -8.05 8.28
CA HIS A 99 -33.15 -8.64 7.09
C HIS A 99 -32.75 -7.62 6.03
N VAL A 100 -31.65 -7.89 5.32
CA VAL A 100 -31.15 -7.14 4.16
C VAL A 100 -31.61 -7.82 2.87
N GLY A 101 -31.88 -9.12 2.97
CA GLY A 101 -32.46 -9.95 1.92
C GLY A 101 -31.57 -10.66 0.93
N PHE A 102 -30.61 -11.44 1.43
CA PHE A 102 -29.80 -12.27 0.56
C PHE A 102 -29.42 -13.55 1.28
N ILE A 103 -29.10 -14.57 0.48
CA ILE A 103 -28.68 -15.88 0.94
C ILE A 103 -27.24 -16.13 0.46
N PHE A 104 -26.40 -16.72 1.35
CA PHE A 104 -24.99 -16.99 1.05
C PHE A 104 -24.50 -18.34 1.58
N LYS A 105 -23.57 -18.95 0.85
CA LYS A 105 -22.93 -20.22 1.19
C LYS A 105 -21.43 -20.08 1.03
N ASN A 106 -20.70 -20.30 2.13
CA ASN A 106 -19.24 -20.17 2.26
C ASN A 106 -18.77 -18.77 1.81
N GLY A 107 -19.44 -17.75 2.36
CA GLY A 107 -19.19 -16.33 2.06
C GLY A 107 -19.59 -15.85 0.68
N LYS A 108 -20.15 -16.73 -0.18
CA LYS A 108 -20.55 -16.38 -1.54
C LYS A 108 -22.07 -16.25 -1.64
N ILE A 109 -22.52 -15.10 -2.16
CA ILE A 109 -23.95 -14.77 -2.36
C ILE A 109 -24.53 -15.68 -3.46
N THR A 110 -25.66 -16.37 -3.16
CA THR A 110 -26.28 -17.35 -4.06
C THR A 110 -27.67 -16.95 -4.55
N SER A 111 -28.42 -16.20 -3.73
CA SER A 111 -29.74 -15.73 -4.14
C SER A 111 -30.07 -14.40 -3.50
N ILE A 112 -30.93 -13.62 -4.15
CA ILE A 112 -31.38 -12.32 -3.64
C ILE A 112 -32.87 -12.44 -3.36
N VAL A 113 -33.28 -12.14 -2.12
CA VAL A 113 -34.70 -12.26 -1.71
C VAL A 113 -35.53 -11.15 -2.38
N LYS A 114 -36.73 -11.53 -2.87
CA LYS A 114 -37.67 -10.65 -3.57
C LYS A 114 -38.20 -9.57 -2.63
N ASP A 115 -38.17 -8.30 -3.10
CA ASP A 115 -38.66 -7.12 -2.39
C ASP A 115 -37.97 -6.88 -1.05
N SER A 116 -36.62 -6.94 -1.09
CA SER A 116 -35.68 -6.70 0.00
C SER A 116 -34.81 -5.51 -0.36
N SER A 117 -33.97 -5.05 0.58
CA SER A 117 -33.04 -3.95 0.32
C SER A 117 -31.93 -4.37 -0.64
N ALA A 118 -31.54 -5.65 -0.61
CA ALA A 118 -30.50 -6.22 -1.49
C ALA A 118 -31.00 -6.22 -2.93
N ALA A 119 -32.31 -6.48 -3.12
CA ALA A 119 -33.00 -6.47 -4.42
C ALA A 119 -33.02 -5.03 -4.91
N ARG A 120 -33.44 -4.10 -4.05
CA ARG A 120 -33.49 -2.67 -4.35
C ARG A 120 -32.15 -2.08 -4.79
N ASN A 121 -31.07 -2.49 -4.14
CA ASN A 121 -29.72 -1.98 -4.40
C ASN A 121 -28.94 -2.78 -5.42
N GLY A 122 -29.61 -3.73 -6.10
CA GLY A 122 -29.03 -4.53 -7.17
C GLY A 122 -27.83 -5.38 -6.78
N LEU A 123 -27.88 -5.97 -5.57
CA LEU A 123 -26.85 -6.87 -5.11
C LEU A 123 -26.81 -8.10 -6.04
N LEU A 124 -25.59 -8.48 -6.44
CA LEU A 124 -25.36 -9.59 -7.35
C LEU A 124 -24.92 -10.86 -6.63
N THR A 125 -25.28 -11.99 -7.25
CA THR A 125 -24.94 -13.33 -6.80
C THR A 125 -23.60 -13.65 -7.43
N GLU A 126 -23.03 -14.82 -7.09
CA GLU A 126 -21.72 -15.24 -7.58
C GLU A 126 -20.66 -14.18 -7.25
N HIS A 127 -20.84 -13.56 -6.06
CA HIS A 127 -19.97 -12.53 -5.49
C HIS A 127 -19.70 -12.89 -4.07
N ASN A 128 -18.42 -12.78 -3.66
CA ASN A 128 -18.00 -13.07 -2.30
C ASN A 128 -18.10 -11.86 -1.44
N ILE A 129 -18.49 -12.05 -0.18
CA ILE A 129 -18.61 -10.97 0.80
C ILE A 129 -17.22 -10.78 1.35
N CYS A 130 -16.69 -9.54 1.27
CA CYS A 130 -15.35 -9.18 1.74
C CYS A 130 -15.37 -8.52 3.10
N GLU A 131 -16.26 -7.52 3.28
CA GLU A 131 -16.40 -6.77 4.52
C GLU A 131 -17.84 -6.39 4.79
N ILE A 132 -18.18 -6.21 6.06
CA ILE A 132 -19.47 -5.74 6.52
C ILE A 132 -19.09 -4.58 7.41
N ASN A 133 -19.50 -3.35 7.03
CA ASN A 133 -19.21 -2.11 7.78
C ASN A 133 -17.69 -1.91 8.07
N GLY A 134 -16.87 -2.28 7.09
CA GLY A 134 -15.42 -2.16 7.15
C GLY A 134 -14.68 -3.30 7.82
N GLN A 135 -15.41 -4.20 8.54
CA GLN A 135 -14.83 -5.36 9.20
C GLN A 135 -14.68 -6.53 8.21
N ASN A 136 -13.47 -7.10 8.14
CA ASN A 136 -13.12 -8.22 7.28
C ASN A 136 -13.83 -9.52 7.72
N VAL A 137 -14.50 -10.17 6.76
CA VAL A 137 -15.23 -11.43 6.93
C VAL A 137 -14.64 -12.58 6.08
N ILE A 138 -13.58 -12.30 5.28
CA ILE A 138 -12.93 -13.31 4.41
C ILE A 138 -12.41 -14.46 5.25
N GLY A 139 -12.92 -15.66 4.96
CA GLY A 139 -12.50 -16.89 5.61
C GLY A 139 -13.04 -17.16 6.99
N LEU A 140 -14.12 -16.45 7.38
CA LEU A 140 -14.82 -16.67 8.65
C LEU A 140 -15.95 -17.65 8.34
N LYS A 141 -16.51 -18.29 9.36
CA LYS A 141 -17.63 -19.20 9.15
C LYS A 141 -18.87 -18.37 8.81
N ASP A 142 -19.80 -18.96 8.07
CA ASP A 142 -21.03 -18.28 7.66
C ASP A 142 -21.84 -17.75 8.84
N SER A 143 -21.79 -18.44 10.00
CA SER A 143 -22.43 -18.05 11.26
C SER A 143 -21.73 -16.83 11.85
N GLN A 144 -20.39 -16.74 11.71
CA GLN A 144 -19.63 -15.58 12.21
C GLN A 144 -19.99 -14.36 11.35
N ILE A 145 -20.21 -14.57 10.04
CA ILE A 145 -20.62 -13.53 9.09
C ILE A 145 -22.03 -13.07 9.48
N ALA A 146 -22.96 -14.03 9.69
CA ALA A 146 -24.34 -13.79 10.08
C ALA A 146 -24.40 -13.01 11.37
N ASP A 147 -23.62 -13.44 12.42
CA ASP A 147 -23.60 -12.76 13.72
C ASP A 147 -23.09 -11.34 13.63
N ILE A 148 -22.15 -11.10 12.72
CA ILE A 148 -21.62 -9.76 12.50
C ILE A 148 -22.68 -8.88 11.85
N LEU A 149 -23.44 -9.45 10.91
CA LEU A 149 -24.47 -8.69 10.21
C LEU A 149 -25.56 -8.27 11.20
N SER A 150 -25.99 -9.24 12.00
CA SER A 150 -27.02 -9.04 13.02
C SER A 150 -26.64 -7.92 13.99
N THR A 151 -25.34 -7.62 14.11
CA THR A 151 -24.85 -6.61 15.06
C THR A 151 -24.31 -5.35 14.36
N SER A 152 -24.54 -5.23 13.05
CA SER A 152 -24.04 -4.11 12.24
C SER A 152 -24.99 -2.89 12.17
N GLY A 153 -26.03 -2.87 12.99
CA GLY A 153 -27.04 -1.81 12.94
C GLY A 153 -27.96 -2.03 11.74
N THR A 154 -28.80 -1.03 11.42
CA THR A 154 -29.76 -1.07 10.31
C THR A 154 -29.14 -0.72 8.98
N VAL A 155 -28.11 0.12 8.98
CA VAL A 155 -27.42 0.49 7.73
C VAL A 155 -26.26 -0.45 7.59
N VAL A 156 -26.29 -1.28 6.56
CA VAL A 156 -25.26 -2.29 6.34
C VAL A 156 -24.52 -2.04 5.03
N THR A 157 -23.22 -1.74 5.12
CA THR A 157 -22.38 -1.47 3.96
C THR A 157 -21.55 -2.71 3.67
N ILE A 158 -21.77 -3.35 2.51
CA ILE A 158 -20.96 -4.52 2.22
C ILE A 158 -20.04 -4.25 1.04
N THR A 159 -18.86 -4.80 1.16
CA THR A 159 -17.81 -4.81 0.16
C THR A 159 -17.89 -6.23 -0.45
N ILE A 160 -18.02 -6.32 -1.78
CA ILE A 160 -18.11 -7.61 -2.48
C ILE A 160 -17.07 -7.68 -3.63
N MET A 161 -16.91 -8.87 -4.20
CA MET A 161 -15.99 -9.08 -5.32
C MET A 161 -16.48 -10.30 -6.09
N PRO A 162 -16.42 -10.28 -7.42
CA PRO A 162 -16.90 -11.46 -8.17
C PRO A 162 -16.20 -12.73 -7.71
N ALA A 163 -16.92 -13.87 -7.72
CA ALA A 163 -16.43 -15.19 -7.30
C ALA A 163 -15.07 -15.61 -7.90
N PHE A 164 -14.78 -15.23 -9.18
CA PHE A 164 -13.54 -15.59 -9.90
C PHE A 164 -12.25 -15.06 -9.23
N ILE A 165 -12.35 -14.11 -8.28
CA ILE A 165 -11.23 -13.59 -7.49
C ILE A 165 -10.83 -14.63 -6.42
N PHE A 166 -11.83 -15.35 -5.85
CA PHE A 166 -11.61 -16.38 -4.84
C PHE A 166 -11.57 -17.77 -5.47
N GLY B 2 24.75 3.99 0.24
CA GLY B 2 24.52 2.84 -0.65
C GLY B 2 24.32 3.29 -2.09
N ILE B 3 25.30 2.99 -2.98
CA ILE B 3 25.27 3.41 -4.39
C ILE B 3 24.86 2.29 -5.39
N ARG B 4 23.78 2.55 -6.17
CA ARG B 4 23.31 1.63 -7.18
C ARG B 4 23.11 2.29 -8.55
N GLU B 5 23.07 1.46 -9.59
CA GLU B 5 22.87 1.90 -10.95
C GLU B 5 21.51 1.35 -11.41
N VAL B 6 20.79 2.18 -12.18
CA VAL B 6 19.47 1.89 -12.71
C VAL B 6 19.48 2.28 -14.17
N ILE B 7 18.80 1.49 -15.00
CA ILE B 7 18.66 1.74 -16.43
C ILE B 7 17.16 1.86 -16.70
N LEU B 8 16.72 2.98 -17.30
CA LEU B 8 15.30 3.29 -17.58
C LEU B 8 15.07 3.61 -19.03
N CYS B 9 13.85 3.40 -19.49
CA CYS B 9 13.50 3.80 -20.84
C CYS B 9 12.56 5.00 -20.75
N LYS B 10 12.77 6.03 -21.59
CA LYS B 10 11.92 7.22 -21.59
C LYS B 10 10.77 7.10 -22.60
N ASP B 11 9.60 7.66 -22.27
CA ASP B 11 8.39 7.64 -23.11
C ASP B 11 8.53 8.52 -24.35
N GLN B 12 7.49 8.56 -25.21
CA GLN B 12 7.41 9.37 -26.44
C GLN B 12 7.61 10.89 -26.19
N ASP B 13 7.63 11.33 -24.92
CA ASP B 13 7.84 12.73 -24.55
C ASP B 13 9.23 12.93 -23.91
N GLY B 14 10.03 11.86 -23.88
CA GLY B 14 11.36 11.84 -23.29
C GLY B 14 11.36 11.89 -21.76
N LYS B 15 10.23 11.48 -21.17
CA LYS B 15 10.01 11.48 -19.73
C LYS B 15 10.22 10.09 -19.14
N ILE B 16 10.72 10.04 -17.88
CA ILE B 16 10.97 8.82 -17.12
C ILE B 16 9.95 8.66 -15.97
N GLY B 17 9.23 9.74 -15.63
CA GLY B 17 8.21 9.71 -14.58
C GLY B 17 8.64 10.27 -13.24
N LEU B 18 9.46 11.35 -13.22
CA LEU B 18 9.87 11.99 -11.98
C LEU B 18 10.20 13.50 -12.09
N ARG B 19 10.17 14.17 -10.94
CA ARG B 19 10.56 15.56 -10.73
C ARG B 19 11.86 15.51 -9.87
N LEU B 20 12.85 16.35 -10.20
CA LEU B 20 14.13 16.44 -9.52
C LEU B 20 14.27 17.78 -8.85
N LYS B 21 15.08 17.82 -7.79
CA LYS B 21 15.29 19.01 -6.97
C LYS B 21 16.78 19.22 -6.68
N SER B 22 17.20 20.47 -6.76
CA SER B 22 18.54 20.92 -6.44
C SER B 22 18.60 21.17 -4.94
N ILE B 23 19.48 20.43 -4.23
CA ILE B 23 19.67 20.60 -2.78
C ILE B 23 21.17 20.51 -2.50
N ASP B 24 21.75 21.57 -1.85
CA ASP B 24 23.17 21.61 -1.46
C ASP B 24 24.17 21.15 -2.56
N ASN B 25 23.94 21.56 -3.82
CA ASN B 25 24.76 21.20 -4.98
C ASN B 25 24.60 19.73 -5.43
N GLY B 26 23.54 19.09 -4.94
CA GLY B 26 23.17 17.75 -5.32
C GLY B 26 21.83 17.69 -6.01
N ILE B 27 21.52 16.57 -6.65
CA ILE B 27 20.24 16.37 -7.33
C ILE B 27 19.51 15.26 -6.60
N PHE B 28 18.28 15.55 -6.17
CA PHE B 28 17.44 14.62 -5.41
C PHE B 28 16.12 14.37 -6.08
N VAL B 29 15.62 13.12 -5.96
CA VAL B 29 14.32 12.71 -6.48
C VAL B 29 13.20 13.37 -5.63
N GLN B 30 12.40 14.19 -6.28
CA GLN B 30 11.34 14.99 -5.65
C GLN B 30 9.96 14.35 -5.69
N LEU B 31 9.65 13.54 -6.70
CA LEU B 31 8.34 12.90 -6.83
C LEU B 31 8.37 11.93 -7.99
N VAL B 32 7.87 10.71 -7.74
CA VAL B 32 7.86 9.62 -8.70
C VAL B 32 6.42 9.29 -9.10
N GLN B 33 6.14 9.36 -10.41
CA GLN B 33 4.83 9.05 -10.96
C GLN B 33 4.59 7.54 -10.84
N ALA B 34 3.37 7.15 -10.42
CA ALA B 34 3.01 5.76 -10.22
C ALA B 34 3.02 4.99 -11.54
N ASN B 35 3.56 3.75 -11.48
CA ASN B 35 3.73 2.79 -12.60
C ASN B 35 4.54 3.36 -13.76
N SER B 36 5.51 4.22 -13.45
CA SER B 36 6.42 4.85 -14.42
C SER B 36 7.70 4.04 -14.51
N PRO B 37 8.53 4.19 -15.59
CA PRO B 37 9.83 3.47 -15.63
C PRO B 37 10.69 3.76 -14.39
N ALA B 38 10.55 5.00 -13.87
CA ALA B 38 11.21 5.50 -12.65
C ALA B 38 10.81 4.74 -11.40
N SER B 39 9.49 4.52 -11.19
CA SER B 39 9.07 3.79 -9.99
C SER B 39 9.46 2.30 -10.05
N LEU B 40 9.43 1.69 -11.26
CA LEU B 40 9.74 0.26 -11.47
C LEU B 40 11.20 -0.05 -11.16
N VAL B 41 12.15 0.83 -11.53
CA VAL B 41 13.58 0.65 -11.22
C VAL B 41 13.91 0.92 -9.76
N GLY B 42 12.95 1.44 -8.98
CA GLY B 42 13.12 1.67 -7.55
C GLY B 42 13.44 3.10 -7.17
N LEU B 43 13.31 4.05 -8.10
CA LEU B 43 13.59 5.44 -7.74
C LEU B 43 12.53 5.97 -6.77
N ARG B 44 12.98 6.54 -5.64
CA ARG B 44 12.08 7.05 -4.61
C ARG B 44 12.39 8.47 -4.22
N PHE B 45 11.39 9.16 -3.66
CA PHE B 45 11.50 10.52 -3.14
C PHE B 45 12.64 10.54 -2.12
N GLY B 46 13.60 11.44 -2.29
CA GLY B 46 14.73 11.53 -1.38
C GLY B 46 16.00 10.87 -1.86
N ASP B 47 15.92 10.02 -2.91
CA ASP B 47 17.13 9.40 -3.48
C ASP B 47 18.00 10.47 -4.14
N GLN B 48 19.32 10.32 -4.02
CA GLN B 48 20.22 11.27 -4.65
C GLN B 48 20.72 10.72 -5.97
N VAL B 49 20.67 11.55 -7.01
CA VAL B 49 21.18 11.21 -8.33
C VAL B 49 22.62 11.74 -8.43
N LEU B 50 23.61 10.82 -8.40
CA LEU B 50 25.00 11.20 -8.52
C LEU B 50 25.39 11.45 -9.97
N GLN B 51 24.85 10.64 -10.93
CA GLN B 51 25.12 10.78 -12.36
C GLN B 51 23.92 10.40 -13.21
N ILE B 52 23.74 11.09 -14.36
CA ILE B 52 22.76 10.82 -15.43
C ILE B 52 23.65 10.52 -16.64
N ASN B 53 23.58 9.29 -17.18
CA ASN B 53 24.40 8.79 -18.30
C ASN B 53 25.90 9.07 -18.11
N GLY B 54 26.40 8.78 -16.93
CA GLY B 54 27.80 8.93 -16.55
C GLY B 54 28.30 10.36 -16.41
N GLU B 55 27.39 11.33 -16.50
CA GLU B 55 27.72 12.75 -16.36
C GLU B 55 27.31 13.15 -14.93
N ASN B 56 28.24 13.77 -14.19
CA ASN B 56 27.99 14.22 -12.81
C ASN B 56 26.90 15.25 -12.70
N CYS B 57 26.03 15.10 -11.69
CA CYS B 57 24.92 16.00 -11.41
C CYS B 57 25.33 17.14 -10.47
N ALA B 58 26.58 17.12 -9.96
CA ALA B 58 27.12 18.12 -9.05
C ALA B 58 26.89 19.55 -9.52
N GLY B 59 26.22 20.36 -8.70
CA GLY B 59 25.97 21.77 -8.98
C GLY B 59 24.93 22.12 -10.02
N TRP B 60 24.33 21.10 -10.68
CA TRP B 60 23.28 21.28 -11.69
C TRP B 60 22.01 21.78 -11.03
N SER B 61 21.28 22.65 -11.71
CA SER B 61 19.95 23.07 -11.25
C SER B 61 18.96 21.93 -11.65
N SER B 62 17.72 21.94 -11.13
CA SER B 62 16.71 20.94 -11.51
C SER B 62 16.34 21.10 -13.03
N ASP B 63 16.31 22.35 -13.52
CA ASP B 63 16.03 22.65 -14.93
C ASP B 63 17.09 22.01 -15.86
N LYS B 64 18.37 22.06 -15.46
CA LYS B 64 19.51 21.45 -16.15
C LYS B 64 19.37 19.93 -16.17
N ALA B 65 19.06 19.33 -15.02
CA ALA B 65 18.88 17.88 -14.85
C ALA B 65 17.83 17.35 -15.80
N HIS B 66 16.64 17.99 -15.84
CA HIS B 66 15.52 17.62 -16.71
C HIS B 66 15.87 17.83 -18.17
N LYS B 67 16.68 18.85 -18.49
CA LYS B 67 17.15 19.11 -19.85
C LYS B 67 18.07 17.98 -20.35
N VAL B 68 18.99 17.51 -19.49
CA VAL B 68 19.92 16.42 -19.82
C VAL B 68 19.12 15.13 -20.06
N LEU B 69 18.09 14.89 -19.25
CA LEU B 69 17.22 13.73 -19.40
C LEU B 69 16.42 13.75 -20.74
N LYS B 70 15.86 14.90 -21.12
CA LYS B 70 15.05 15.08 -22.32
C LYS B 70 15.85 14.96 -23.61
N GLN B 71 17.11 15.45 -23.58
CA GLN B 71 18.07 15.47 -24.68
C GLN B 71 18.88 14.18 -24.85
N ALA B 72 18.93 13.30 -23.82
CA ALA B 72 19.72 12.05 -23.88
C ALA B 72 19.45 11.27 -25.15
N PHE B 73 20.51 10.92 -25.91
CA PHE B 73 20.38 10.19 -27.17
C PHE B 73 19.65 8.87 -27.03
N GLY B 74 18.72 8.67 -27.95
CA GLY B 74 17.88 7.48 -28.00
C GLY B 74 16.84 7.54 -26.92
N GLU B 75 16.60 6.40 -26.24
CA GLU B 75 15.64 6.23 -25.16
C GLU B 75 16.09 5.04 -24.31
N LYS B 76 17.14 5.26 -23.53
CA LYS B 76 17.76 4.33 -22.59
C LYS B 76 18.69 5.15 -21.69
N ILE B 77 18.14 5.65 -20.56
CA ILE B 77 18.82 6.48 -19.58
C ILE B 77 19.45 5.61 -18.50
N THR B 78 20.67 5.97 -18.08
CA THR B 78 21.40 5.29 -16.99
C THR B 78 21.60 6.27 -15.84
N MET B 79 21.36 5.84 -14.61
CA MET B 79 21.50 6.74 -13.47
C MET B 79 22.28 6.07 -12.38
N THR B 80 23.12 6.85 -11.69
CA THR B 80 23.88 6.39 -10.53
C THR B 80 23.22 7.07 -9.33
N ILE B 81 22.68 6.25 -8.43
CA ILE B 81 21.85 6.64 -7.29
C ILE B 81 22.48 6.30 -5.96
N ARG B 82 22.35 7.22 -5.01
CA ARG B 82 22.69 6.98 -3.62
C ARG B 82 21.32 6.96 -2.96
N ASP B 83 21.00 5.85 -2.27
CA ASP B 83 19.73 5.66 -1.59
C ASP B 83 19.51 6.65 -0.46
N ARG B 84 18.34 7.33 -0.52
CA ARG B 84 17.83 8.33 0.43
C ARG B 84 18.85 8.69 1.53
N PRO B 85 19.85 9.55 1.24
CA PRO B 85 20.86 9.87 2.27
C PRO B 85 20.35 10.47 3.58
N PHE B 86 19.19 11.11 3.55
CA PHE B 86 18.62 11.79 4.72
C PHE B 86 17.60 10.99 5.50
N GLU B 87 17.31 9.75 5.07
CA GLU B 87 16.35 8.87 5.69
C GLU B 87 16.84 8.31 7.05
N ARG B 88 15.95 8.37 8.04
CA ARG B 88 16.18 7.89 9.41
CA ARG B 88 16.22 7.83 9.38
C ARG B 88 14.99 7.04 9.82
N THR B 89 15.21 6.04 10.65
CA THR B 89 14.15 5.18 11.16
C THR B 89 14.01 5.37 12.68
N ILE B 90 12.74 5.47 13.15
CA ILE B 90 12.32 5.61 14.55
C ILE B 90 11.27 4.57 14.83
N THR B 91 11.52 3.75 15.84
CA THR B 91 10.57 2.72 16.27
C THR B 91 9.92 3.23 17.56
N MET B 92 8.59 3.21 17.62
CA MET B 92 7.83 3.64 18.79
C MET B 92 6.86 2.54 19.22
N HIS B 93 6.30 2.65 20.43
CA HIS B 93 5.30 1.71 20.96
C HIS B 93 4.08 2.48 21.38
N LYS B 94 2.91 2.00 20.99
CA LYS B 94 1.66 2.61 21.41
C LYS B 94 1.53 2.47 22.91
N ASP B 95 0.97 3.49 23.56
CA ASP B 95 0.70 3.47 25.00
C ASP B 95 -0.66 2.75 25.21
N SER B 96 -1.22 2.80 26.44
CA SER B 96 -2.51 2.20 26.79
C SER B 96 -3.69 2.78 25.99
N THR B 97 -3.60 4.05 25.52
CA THR B 97 -4.65 4.76 24.76
C THR B 97 -4.49 4.59 23.24
N GLY B 98 -3.49 3.81 22.83
CA GLY B 98 -3.19 3.59 21.42
C GLY B 98 -2.36 4.70 20.77
N HIS B 99 -1.79 5.60 21.59
CA HIS B 99 -0.98 6.73 21.09
C HIS B 99 0.51 6.47 21.15
N VAL B 100 1.18 6.97 20.13
CA VAL B 100 2.61 6.90 19.92
C VAL B 100 3.27 8.25 20.35
N GLY B 101 2.50 9.34 20.26
CA GLY B 101 2.90 10.66 20.77
C GLY B 101 3.41 11.76 19.85
N PHE B 102 2.73 12.05 18.74
CA PHE B 102 3.15 13.14 17.86
C PHE B 102 2.02 13.76 17.05
N ILE B 103 2.19 15.04 16.68
CA ILE B 103 1.25 15.81 15.86
C ILE B 103 1.89 16.11 14.48
N PHE B 104 1.11 15.94 13.41
CA PHE B 104 1.56 16.19 12.04
C PHE B 104 0.53 16.94 11.19
N LYS B 105 1.05 17.71 10.23
CA LYS B 105 0.29 18.48 9.25
C LYS B 105 0.93 18.25 7.87
N ASN B 106 0.16 17.67 6.95
CA ASN B 106 0.60 17.34 5.60
C ASN B 106 1.81 16.39 5.62
N GLY B 107 1.75 15.43 6.54
CA GLY B 107 2.79 14.43 6.74
C GLY B 107 4.05 14.99 7.38
N LYS B 108 4.00 16.22 7.90
CA LYS B 108 5.12 16.91 8.53
C LYS B 108 4.93 16.89 10.02
N ILE B 109 5.88 16.26 10.76
CA ILE B 109 5.85 16.21 12.21
C ILE B 109 6.07 17.63 12.72
N THR B 110 5.08 18.16 13.49
CA THR B 110 5.06 19.54 14.02
C THR B 110 5.16 19.66 15.54
N SER B 111 4.83 18.57 16.26
CA SER B 111 4.86 18.54 17.72
C SER B 111 5.10 17.13 18.21
N ILE B 112 5.78 17.02 19.36
CA ILE B 112 6.11 15.79 20.06
C ILE B 112 5.43 15.83 21.42
N VAL B 113 4.51 14.88 21.66
CA VAL B 113 3.72 14.79 22.89
C VAL B 113 4.63 14.41 24.07
N LYS B 114 4.50 15.14 25.21
CA LYS B 114 5.34 14.90 26.39
C LYS B 114 5.17 13.50 26.97
N ASP B 115 6.28 12.91 27.39
CA ASP B 115 6.30 11.58 27.99
C ASP B 115 5.68 10.50 27.11
N SER B 116 5.94 10.56 25.81
CA SER B 116 5.40 9.57 24.90
C SER B 116 6.57 8.74 24.33
N SER B 117 6.24 7.65 23.60
CA SER B 117 7.23 6.80 22.95
C SER B 117 8.03 7.62 21.90
N ALA B 118 7.37 8.58 21.24
CA ALA B 118 8.02 9.47 20.26
C ALA B 118 9.05 10.34 20.95
N ALA B 119 8.71 10.87 22.15
CA ALA B 119 9.57 11.70 22.97
C ALA B 119 10.74 10.90 23.49
N ARG B 120 10.51 9.66 23.99
CA ARG B 120 11.58 8.78 24.48
C ARG B 120 12.52 8.36 23.35
N ASN B 121 11.96 8.08 22.15
CA ASN B 121 12.75 7.68 20.98
C ASN B 121 13.38 8.84 20.23
N GLY B 122 13.20 10.05 20.72
CA GLY B 122 13.82 11.24 20.14
C GLY B 122 13.32 11.63 18.78
N LEU B 123 12.02 11.43 18.52
CA LEU B 123 11.43 11.83 17.24
C LEU B 123 11.54 13.38 17.08
N LEU B 124 11.97 13.83 15.89
CA LEU B 124 12.14 15.26 15.65
C LEU B 124 11.02 15.86 14.83
N THR B 125 10.79 17.17 15.04
CA THR B 125 9.84 17.95 14.25
C THR B 125 10.61 18.44 13.01
N GLU B 126 9.94 19.17 12.09
CA GLU B 126 10.53 19.69 10.86
C GLU B 126 11.02 18.53 9.99
N HIS B 127 10.30 17.40 10.07
CA HIS B 127 10.58 16.16 9.37
C HIS B 127 9.29 15.57 8.84
N ASN B 128 9.35 15.01 7.63
CA ASN B 128 8.22 14.37 6.99
C ASN B 128 8.26 12.86 7.08
N ILE B 129 7.10 12.24 7.37
CA ILE B 129 6.93 10.78 7.44
C ILE B 129 6.97 10.30 5.99
N CYS B 130 7.73 9.24 5.73
CA CYS B 130 7.87 8.64 4.40
C CYS B 130 7.12 7.31 4.35
N GLU B 131 7.27 6.47 5.41
CA GLU B 131 6.54 5.21 5.54
C GLU B 131 6.31 4.83 6.98
N ILE B 132 5.18 4.17 7.23
CA ILE B 132 4.76 3.62 8.51
C ILE B 132 4.64 2.13 8.26
N ASN B 133 5.49 1.33 8.92
CA ASN B 133 5.53 -0.14 8.87
C ASN B 133 5.70 -0.71 7.45
N GLY B 134 6.44 0.02 6.61
CA GLY B 134 6.69 -0.36 5.24
C GLY B 134 5.71 0.21 4.24
N GLN B 135 4.64 0.88 4.72
CA GLN B 135 3.60 1.52 3.89
C GLN B 135 3.93 2.98 3.57
N ASN B 136 4.22 3.30 2.28
CA ASN B 136 4.53 4.66 1.85
C ASN B 136 3.37 5.60 2.11
N VAL B 137 3.66 6.75 2.74
CA VAL B 137 2.63 7.74 3.08
C VAL B 137 2.89 9.11 2.36
N ILE B 138 3.88 9.16 1.46
CA ILE B 138 4.17 10.39 0.72
C ILE B 138 3.08 10.66 -0.33
N GLY B 139 2.48 11.85 -0.22
CA GLY B 139 1.44 12.34 -1.13
C GLY B 139 0.04 11.87 -0.78
N LEU B 140 -0.11 11.29 0.41
CA LEU B 140 -1.34 10.78 1.00
C LEU B 140 -1.88 11.84 1.93
N LYS B 141 -3.22 11.87 2.09
CA LYS B 141 -3.89 12.79 3.01
C LYS B 141 -3.60 12.32 4.42
N ASP B 142 -3.59 13.27 5.36
CA ASP B 142 -3.36 13.03 6.77
C ASP B 142 -4.41 12.10 7.36
N SER B 143 -5.57 11.96 6.67
CA SER B 143 -6.64 11.05 7.08
C SER B 143 -6.19 9.61 6.83
N GLN B 144 -5.44 9.35 5.74
CA GLN B 144 -4.90 8.01 5.45
C GLN B 144 -3.80 7.62 6.40
N ILE B 145 -2.91 8.57 6.74
CA ILE B 145 -1.76 8.39 7.64
C ILE B 145 -2.27 8.01 9.03
N ALA B 146 -3.24 8.80 9.57
CA ALA B 146 -3.87 8.59 10.87
C ALA B 146 -4.55 7.23 10.91
N ASP B 147 -5.18 6.83 9.77
CA ASP B 147 -5.84 5.55 9.63
C ASP B 147 -4.86 4.38 9.65
N ILE B 148 -3.71 4.52 8.96
CA ILE B 148 -2.64 3.51 8.94
C ILE B 148 -2.11 3.29 10.39
N LEU B 149 -1.90 4.43 11.10
CA LEU B 149 -1.41 4.43 12.47
C LEU B 149 -2.38 3.78 13.45
N SER B 150 -3.70 4.02 13.30
CA SER B 150 -4.74 3.43 14.17
C SER B 150 -4.89 1.92 13.97
N THR B 151 -4.81 1.44 12.71
CA THR B 151 -4.95 0.01 12.38
C THR B 151 -3.70 -0.80 12.76
N SER B 152 -2.56 -0.11 12.94
CA SER B 152 -1.28 -0.71 13.29
C SER B 152 -1.25 -1.33 14.68
N GLY B 153 -0.41 -2.35 14.84
CA GLY B 153 -0.14 -2.99 16.11
C GLY B 153 0.67 -2.07 17.01
N THR B 154 0.99 -2.54 18.24
CA THR B 154 1.71 -1.78 19.28
C THR B 154 3.03 -1.17 18.76
N VAL B 155 3.84 -1.96 18.02
CA VAL B 155 5.13 -1.51 17.47
C VAL B 155 4.90 -0.74 16.17
N VAL B 156 5.34 0.52 16.15
CA VAL B 156 5.19 1.42 15.01
C VAL B 156 6.57 1.86 14.53
N THR B 157 6.96 1.39 13.32
CA THR B 157 8.24 1.73 12.71
C THR B 157 8.01 2.79 11.63
N ILE B 158 8.62 3.94 11.83
CA ILE B 158 8.47 5.05 10.91
C ILE B 158 9.77 5.53 10.30
N THR B 159 9.70 5.80 9.01
CA THR B 159 10.83 6.29 8.21
C THR B 159 10.57 7.78 8.00
N ILE B 160 11.56 8.62 8.29
CA ILE B 160 11.39 10.08 8.15
C ILE B 160 12.52 10.70 7.37
N MET B 161 12.38 11.98 7.04
CA MET B 161 13.40 12.76 6.32
C MET B 161 13.16 14.27 6.55
N PRO B 162 14.23 15.07 6.71
CA PRO B 162 14.05 16.50 6.93
C PRO B 162 13.07 17.10 5.92
N ALA B 163 12.23 18.02 6.38
CA ALA B 163 11.21 18.68 5.57
C ALA B 163 11.77 19.38 4.31
N PHE B 164 13.00 19.88 4.36
CA PHE B 164 13.64 20.58 3.23
C PHE B 164 13.83 19.68 1.99
N ILE B 165 13.74 18.33 2.16
CA ILE B 165 13.80 17.36 1.05
C ILE B 165 12.47 17.40 0.27
N PHE B 166 11.37 17.75 0.95
CA PHE B 166 10.00 17.82 0.44
C PHE B 166 9.67 19.22 -0.04
N LYS C 1 -24.14 -26.97 7.77
CA LYS C 1 -24.90 -25.82 7.29
C LYS C 1 -24.96 -25.80 5.76
N GLY C 2 -26.07 -25.30 5.23
CA GLY C 2 -26.26 -25.22 3.79
C GLY C 2 -26.25 -23.80 3.27
N GLU C 3 -27.37 -23.10 3.46
CA GLU C 3 -27.49 -21.71 3.02
C GLU C 3 -27.93 -20.81 4.16
N THR C 4 -27.19 -19.71 4.35
CA THR C 4 -27.49 -18.75 5.42
C THR C 4 -28.25 -17.57 4.81
N ALA C 5 -29.44 -17.24 5.35
CA ALA C 5 -30.26 -16.10 4.90
C ALA C 5 -30.07 -14.98 5.87
N VAL C 6 -29.84 -13.76 5.37
CA VAL C 6 -29.61 -12.59 6.19
C VAL C 6 -30.44 -11.36 5.76
N GLU D 3 -3.35 20.07 12.61
CA GLU D 3 -2.91 19.36 13.79
C GLU D 3 -3.68 18.04 14.00
N THR D 4 -3.09 16.91 13.58
CA THR D 4 -3.66 15.56 13.75
C THR D 4 -2.79 14.80 14.78
N ALA D 5 -3.35 14.48 15.96
CA ALA D 5 -2.64 13.78 17.04
C ALA D 5 -2.70 12.27 16.93
N VAL D 6 -1.52 11.61 17.03
CA VAL D 6 -1.38 10.13 16.97
C VAL D 6 -0.49 9.63 18.14
#